data_1ZUN
#
_entry.id   1ZUN
#
_cell.length_a   110.072
_cell.length_b   110.072
_cell.length_c   171.002
_cell.angle_alpha   90.00
_cell.angle_beta   90.00
_cell.angle_gamma   120.00
#
_symmetry.space_group_name_H-M   'H 3'
#
loop_
_entity.id
_entity.type
_entity.pdbx_description
1 polymer 'Sulfate adenylyltransferase subunit 2'
2 polymer 'sulfate adenylate transferase, subunit 1/adenylylsulfate kinase'
3 non-polymer 'MAGNESIUM ION'
4 non-polymer 'SODIUM ION'
5 non-polymer 'PHOSPHOTHIOPHOSPHORIC ACID-ADENYLATE ESTER'
6 non-polymer "GUANOSINE-5'-DIPHOSPHATE"
7 water water
#
loop_
_entity_poly.entity_id
_entity_poly.type
_entity_poly.pdbx_seq_one_letter_code
_entity_poly.pdbx_strand_id
1 'polypeptide(L)'
;MGSSHHHHHHSSGLVPRGSH(MSE)VDKLTHLKQLEAESIHIIREVAAEFDNPV(MSE)LYSIGKDSAV(MSE)LHLARK
AFFPGKLPFPV(MSE)HVDTRWKFQE(MSE)YRFRDQ(MSE)VEE(MSE)GLDLITHINPDGVAQGINPFTHGSAKHTDI
(MSE)KTEGLKQALDKHGFDAAFGGARRDEEKSRAKERVYSFRDSKHRWDPKNQRPELWNVYNGNVNKGESIRVFPLSNW
TELDIWQYIYLEGIPIVPLYFAAERDVIEKNGTLIMIDDERILEHLTDEEKSRIVKKKVRFRTLGCYPLTGAVESEATSL
TDIIQEMLLTRTSERQGRVIDHDGAGSMEEKKRQGYF
;
A
2 'polypeptide(L)'
;MSHQSDLISEDILAYLGQHERKE(MSE)LRFLTCGNVDDGKSTLIGRLLHDSK(MSE)IYEDHLEAITRDSKKSGTTGDD
VDLALLVDGLQAEREQGITIDVAYRYFSTAKRKFIIADTPGHEQYTRN(MSE)ATGASTCDLAIILVDARYGVQTQTRRH
SYIASLLGIKHIVVAINK(MSE)DLNGFDERVFESIKADYLKFAEGIAFKPTT(MSE)AFVP(MSE)SALKGDNVVNKSE
RSPWYAGQSL(MSE)EILETVEIASDRNYTDLRFPVQYVNRPNLNFRGFAGTLASGIVHKGDEIVVLPSGKSSRVKSIVT
FEGELEQAGPGQAVTLT(MSE)EDEIDISRGDLLVHADNVPQVSDAFDA(MSE)LVW(MSE)AEEP(MSE)LPGKKYDIK
RATSYVPGSIASITHRVDVNTLEEGPASSLQLNEIGRVKVSLDAPIALDGYSSNRTTGAFIVIDRLTNGTVAAG(MSE)I
IA
;
B
#
# COMPACT_ATOMS: atom_id res chain seq x y z
N LEU A 14 7.98 23.52 -22.87
CA LEU A 14 6.69 22.79 -23.04
C LEU A 14 5.94 22.63 -21.71
N VAL A 15 4.64 22.90 -21.74
CA VAL A 15 3.76 22.77 -20.58
C VAL A 15 3.35 21.31 -20.42
N PRO A 16 3.47 20.78 -19.18
CA PRO A 16 3.11 19.39 -18.89
C PRO A 16 1.60 19.16 -18.88
N ARG A 17 1.21 17.89 -19.02
CA ARG A 17 -0.19 17.49 -19.01
C ARG A 17 -0.81 17.62 -17.63
N GLY A 18 -2.12 17.87 -17.58
CA GLY A 18 -2.84 18.06 -16.33
C GLY A 18 -3.79 16.92 -16.02
N SER A 19 -4.26 16.87 -14.77
CA SER A 19 -5.16 15.82 -14.31
C SER A 19 -6.54 15.89 -14.97
N HIS A 20 -6.90 17.08 -15.44
CA HIS A 20 -8.16 17.34 -16.12
C HIS A 20 -8.28 16.59 -17.45
N VAL A 22 -7.33 13.06 -17.76
CA VAL A 22 -7.69 11.67 -17.46
C VAL A 22 -8.79 11.60 -16.39
N ASP A 23 -9.67 10.62 -16.50
CA ASP A 23 -10.71 10.39 -15.50
C ASP A 23 -10.06 9.94 -14.19
N LYS A 24 -10.32 10.67 -13.11
CA LYS A 24 -9.67 10.42 -11.83
C LYS A 24 -10.05 9.07 -11.21
N LEU A 25 -9.11 8.48 -10.48
CA LEU A 25 -9.28 7.14 -9.93
C LEU A 25 -10.29 7.09 -8.80
N THR A 26 -11.40 6.40 -9.05
CA THR A 26 -12.38 6.07 -8.02
C THR A 26 -11.85 4.93 -7.17
N HIS A 27 -12.46 4.72 -6.00
CA HIS A 27 -11.94 3.76 -5.02
C HIS A 27 -11.82 2.33 -5.55
N LEU A 28 -12.83 1.88 -6.31
CA LEU A 28 -12.83 0.54 -6.90
C LEU A 28 -11.79 0.38 -8.01
N LYS A 29 -11.61 1.42 -8.82
CA LYS A 29 -10.58 1.38 -9.86
C LYS A 29 -9.19 1.36 -9.25
N GLN A 30 -9.03 2.09 -8.15
CA GLN A 30 -7.76 2.16 -7.44
C GLN A 30 -7.45 0.82 -6.78
N LEU A 31 -8.45 0.24 -6.12
CA LEU A 31 -8.35 -1.09 -5.54
C LEU A 31 -8.06 -2.15 -6.62
N GLU A 32 -8.77 -2.06 -7.74
CA GLU A 32 -8.58 -2.94 -8.88
C GLU A 32 -7.12 -2.93 -9.34
N ALA A 33 -6.59 -1.74 -9.59
CA ALA A 33 -5.20 -1.58 -10.03
C ALA A 33 -4.20 -2.10 -9.00
N GLU A 34 -4.47 -1.83 -7.73
CA GLU A 34 -3.57 -2.24 -6.65
C GLU A 34 -3.49 -3.76 -6.52
N SER A 35 -4.64 -4.41 -6.70
CA SER A 35 -4.71 -5.86 -6.64
C SER A 35 -4.09 -6.51 -7.88
N ILE A 36 -4.30 -5.88 -9.05
CA ILE A 36 -3.67 -6.33 -10.29
C ILE A 36 -2.16 -6.30 -10.16
N HIS A 37 -1.64 -5.19 -9.63
CA HIS A 37 -0.22 -5.02 -9.40
C HIS A 37 0.35 -6.16 -8.53
N ILE A 38 -0.33 -6.46 -7.43
CA ILE A 38 0.09 -7.54 -6.53
C ILE A 38 0.17 -8.88 -7.25
N ILE A 39 -0.87 -9.21 -8.01
CA ILE A 39 -0.93 -10.47 -8.76
C ILE A 39 0.22 -10.57 -9.75
N ARG A 40 0.49 -9.50 -10.48
CA ARG A 40 1.59 -9.43 -11.43
C ARG A 40 2.96 -9.65 -10.76
N GLU A 41 3.19 -9.02 -9.60
CA GLU A 41 4.44 -9.20 -8.85
C GLU A 41 4.72 -10.66 -8.52
N VAL A 42 3.73 -11.33 -7.95
CA VAL A 42 3.87 -12.74 -7.59
C VAL A 42 4.20 -13.54 -8.83
N ALA A 43 3.41 -13.35 -9.89
CA ALA A 43 3.65 -14.02 -11.16
C ALA A 43 5.07 -13.74 -11.66
N ALA A 44 5.53 -12.51 -11.46
CA ALA A 44 6.86 -12.08 -11.91
C ALA A 44 8.00 -12.71 -11.11
N GLU A 45 7.75 -13.04 -9.85
CA GLU A 45 8.81 -13.45 -8.94
C GLU A 45 8.78 -14.94 -8.56
N PHE A 46 7.61 -15.55 -8.62
CA PHE A 46 7.44 -16.94 -8.19
C PHE A 46 7.27 -17.89 -9.37
N ASP A 47 7.81 -19.10 -9.22
CA ASP A 47 7.80 -20.10 -10.27
C ASP A 47 6.46 -20.81 -10.45
N ASN A 48 5.91 -21.31 -9.34
CA ASN A 48 4.65 -22.06 -9.39
C ASN A 48 3.56 -21.49 -8.50
N PRO A 49 2.88 -20.42 -8.94
CA PRO A 49 1.75 -19.91 -8.18
C PRO A 49 0.47 -20.70 -8.43
N VAL A 50 -0.49 -20.58 -7.52
CA VAL A 50 -1.86 -21.03 -7.75
C VAL A 50 -2.85 -20.01 -7.24
N LEU A 52 -6.05 -20.03 -5.43
CA LEU A 52 -7.00 -20.77 -4.62
C LEU A 52 -8.39 -20.21 -4.88
N TYR A 53 -9.18 -20.94 -5.65
CA TYR A 53 -10.53 -20.51 -5.99
C TYR A 53 -11.56 -21.35 -5.25
N SER A 54 -12.34 -20.69 -4.39
CA SER A 54 -13.47 -21.31 -3.72
C SER A 54 -14.52 -21.66 -4.78
N ILE A 55 -15.79 -21.43 -4.45
CA ILE A 55 -16.82 -21.28 -5.47
C ILE A 55 -17.64 -20.06 -5.05
N GLY A 56 -17.07 -19.29 -4.13
CA GLY A 56 -17.76 -18.17 -3.48
C GLY A 56 -17.44 -16.81 -4.06
N LYS A 57 -17.92 -15.77 -3.39
CA LYS A 57 -17.98 -14.42 -3.98
C LYS A 57 -16.66 -13.67 -4.02
N ASP A 58 -15.83 -13.83 -2.99
CA ASP A 58 -14.55 -13.13 -2.95
C ASP A 58 -13.58 -13.72 -3.96
N SER A 59 -13.57 -15.05 -4.10
CA SER A 59 -12.71 -15.73 -5.06
C SER A 59 -13.10 -15.42 -6.50
N ALA A 60 -14.37 -15.09 -6.71
CA ALA A 60 -14.89 -14.69 -8.00
C ALA A 60 -14.36 -13.33 -8.42
N VAL A 61 -14.21 -12.44 -7.44
CA VAL A 61 -13.64 -11.12 -7.68
C VAL A 61 -12.14 -11.23 -7.96
N LEU A 63 -10.52 -13.89 -9.17
CA LEU A 63 -10.35 -14.51 -10.48
C LEU A 63 -10.58 -13.51 -11.61
N HIS A 64 -11.54 -12.62 -11.42
CA HIS A 64 -11.81 -11.54 -12.38
C HIS A 64 -10.61 -10.58 -12.46
N LEU A 65 -10.02 -10.29 -11.30
CA LEU A 65 -8.80 -9.48 -11.23
C LEU A 65 -7.62 -10.14 -11.93
N ALA A 66 -7.49 -11.45 -11.74
CA ALA A 66 -6.43 -12.22 -12.36
C ALA A 66 -6.50 -12.16 -13.89
N ARG A 67 -7.71 -12.22 -14.44
CA ARG A 67 -7.90 -12.11 -15.88
C ARG A 67 -7.46 -10.73 -16.37
N LYS A 68 -7.91 -9.69 -15.69
CA LYS A 68 -7.53 -8.31 -16.00
C LYS A 68 -6.03 -8.08 -15.93
N ALA A 69 -5.38 -8.80 -15.02
CA ALA A 69 -3.94 -8.69 -14.79
C ALA A 69 -3.09 -9.19 -15.96
N PHE A 70 -3.63 -10.10 -16.77
CA PHE A 70 -2.83 -10.76 -17.81
C PHE A 70 -3.34 -10.64 -19.25
N PHE A 71 -4.49 -10.00 -19.42
CA PHE A 71 -5.04 -9.76 -20.76
C PHE A 71 -3.96 -9.17 -21.65
N PRO A 72 -3.89 -9.60 -22.92
CA PRO A 72 -4.74 -10.60 -23.58
C PRO A 72 -4.23 -12.02 -23.44
N GLY A 73 -3.42 -12.29 -22.42
CA GLY A 73 -2.96 -13.64 -22.14
C GLY A 73 -3.89 -14.35 -21.18
N LYS A 74 -3.77 -15.67 -21.11
CA LYS A 74 -4.47 -16.45 -20.11
C LYS A 74 -3.71 -16.36 -18.80
N LEU A 75 -4.28 -16.91 -17.73
CA LEU A 75 -3.56 -17.02 -16.46
C LEU A 75 -2.33 -17.90 -16.62
N PRO A 76 -1.14 -17.36 -16.25
CA PRO A 76 0.10 -18.13 -16.31
C PRO A 76 0.19 -19.19 -15.22
N PHE A 77 -0.77 -19.17 -14.30
CA PHE A 77 -0.85 -20.13 -13.20
C PHE A 77 -2.17 -20.90 -13.22
N PRO A 78 -2.19 -22.12 -12.65
CA PRO A 78 -3.45 -22.84 -12.56
C PRO A 78 -4.34 -22.37 -11.41
N VAL A 79 -5.63 -22.70 -11.51
CA VAL A 79 -6.61 -22.41 -10.47
C VAL A 79 -6.93 -23.69 -9.69
N HIS A 81 -9.22 -25.77 -6.51
CA HIS A 81 -10.36 -25.88 -5.59
C HIS A 81 -10.17 -27.06 -4.66
N VAL A 82 -10.00 -26.76 -3.37
CA VAL A 82 -9.93 -27.78 -2.33
C VAL A 82 -11.33 -28.30 -2.05
N ASP A 83 -11.63 -29.48 -2.59
CA ASP A 83 -12.97 -30.05 -2.47
C ASP A 83 -13.13 -30.84 -1.18
N THR A 84 -14.20 -30.53 -0.47
CA THR A 84 -14.58 -31.23 0.77
C THR A 84 -15.40 -32.47 0.38
N ARG A 85 -16.19 -33.00 1.31
CA ARG A 85 -17.12 -34.09 0.99
C ARG A 85 -18.18 -33.59 0.01
N TRP A 86 -18.80 -32.47 0.35
CA TRP A 86 -19.87 -31.88 -0.45
C TRP A 86 -20.17 -30.44 -0.02
N LYS A 87 -20.30 -29.56 -1.01
CA LYS A 87 -20.84 -28.22 -0.80
C LYS A 87 -22.17 -28.13 -1.55
N PHE A 88 -22.82 -26.96 -1.49
CA PHE A 88 -24.09 -26.74 -2.19
C PHE A 88 -24.04 -27.20 -3.64
N GLN A 89 -25.11 -27.84 -4.10
CA GLN A 89 -25.18 -28.40 -5.45
C GLN A 89 -25.09 -27.33 -6.54
N GLU A 90 -25.61 -26.15 -6.24
CA GLU A 90 -25.57 -25.02 -7.18
C GLU A 90 -24.18 -24.42 -7.35
N TYR A 92 -21.21 -26.51 -7.41
CA TYR A 92 -20.54 -27.43 -8.33
C TYR A 92 -20.91 -27.14 -9.78
N ARG A 93 -22.21 -26.93 -10.02
CA ARG A 93 -22.73 -26.67 -11.37
C ARG A 93 -22.26 -25.34 -11.92
N PHE A 94 -22.15 -24.34 -11.04
CA PHE A 94 -21.63 -23.03 -11.41
C PHE A 94 -20.16 -23.10 -11.80
N ARG A 95 -19.36 -23.75 -10.94
CA ARG A 95 -17.92 -23.89 -11.17
C ARG A 95 -17.58 -24.76 -12.37
N ASP A 96 -18.34 -25.85 -12.57
CA ASP A 96 -18.15 -26.72 -13.72
C ASP A 96 -18.32 -25.96 -15.04
N GLN A 97 -19.39 -25.19 -15.14
CA GLN A 97 -19.66 -24.37 -16.32
C GLN A 97 -18.62 -23.27 -16.51
N VAL A 99 -15.40 -23.39 -15.84
CA VAL A 99 -14.18 -23.94 -16.42
C VAL A 99 -14.29 -24.09 -17.94
N GLU A 100 -15.41 -24.66 -18.39
CA GLU A 100 -15.66 -24.86 -19.83
C GLU A 100 -15.86 -23.54 -20.58
N GLU A 101 -16.44 -22.56 -19.93
CA GLU A 101 -16.75 -21.27 -20.55
C GLU A 101 -15.59 -20.26 -20.53
N GLY A 103 -12.09 -21.72 -20.79
CA GLY A 103 -10.92 -22.53 -21.13
C GLY A 103 -9.91 -22.56 -20.01
N LEU A 104 -10.41 -22.70 -18.78
CA LEU A 104 -9.58 -22.62 -17.58
C LEU A 104 -8.93 -23.92 -17.19
N ASP A 105 -7.83 -23.80 -16.43
CA ASP A 105 -7.12 -24.94 -15.87
C ASP A 105 -7.49 -25.05 -14.38
N LEU A 106 -8.48 -25.89 -14.08
CA LEU A 106 -8.91 -26.09 -12.70
C LEU A 106 -8.44 -27.41 -12.13
N ILE A 107 -7.76 -27.34 -10.99
CA ILE A 107 -7.35 -28.53 -10.26
C ILE A 107 -8.28 -28.73 -9.06
N THR A 108 -8.82 -29.93 -8.95
CA THR A 108 -9.65 -30.31 -7.82
C THR A 108 -8.80 -31.19 -6.89
N HIS A 109 -9.00 -31.05 -5.59
CA HIS A 109 -8.26 -31.84 -4.61
C HIS A 109 -9.14 -32.35 -3.48
N ILE A 110 -9.00 -33.64 -3.18
CA ILE A 110 -9.76 -34.32 -2.14
C ILE A 110 -9.03 -35.60 -1.70
N ASN A 111 -8.90 -35.78 -0.39
CA ASN A 111 -8.30 -37.00 0.16
C ASN A 111 -9.18 -37.66 1.23
N SER A 126 -18.54 -28.55 12.23
CA SER A 126 -17.49 -28.20 11.28
C SER A 126 -16.13 -28.01 11.97
N ALA A 127 -15.97 -28.65 13.13
CA ALA A 127 -14.73 -28.59 13.89
C ALA A 127 -13.68 -29.55 13.32
N LYS A 128 -14.06 -30.83 13.25
CA LYS A 128 -13.20 -31.87 12.68
C LYS A 128 -13.15 -31.76 11.17
N HIS A 129 -14.34 -31.69 10.56
CA HIS A 129 -14.53 -31.68 9.12
C HIS A 129 -13.61 -30.70 8.39
N THR A 130 -13.68 -29.42 8.78
CA THR A 130 -12.90 -28.36 8.14
C THR A 130 -11.40 -28.59 8.27
N ASP A 131 -10.97 -29.10 9.43
CA ASP A 131 -9.57 -29.32 9.73
C ASP A 131 -8.93 -30.36 8.81
N ILE A 132 -9.60 -31.50 8.65
CA ILE A 132 -9.06 -32.61 7.88
C ILE A 132 -9.19 -32.39 6.38
N LYS A 134 -10.28 -29.29 4.52
CA LYS A 134 -9.76 -28.02 4.00
C LYS A 134 -8.29 -27.82 4.34
N THR A 135 -8.00 -27.67 5.64
CA THR A 135 -6.66 -27.30 6.11
C THR A 135 -5.60 -28.30 5.65
N GLU A 136 -5.85 -29.57 5.89
CA GLU A 136 -4.91 -30.62 5.46
C GLU A 136 -4.93 -30.82 3.96
N GLY A 137 -6.12 -30.73 3.36
CA GLY A 137 -6.30 -30.89 1.93
C GLY A 137 -5.51 -29.88 1.13
N LEU A 138 -5.65 -28.61 1.50
CA LEU A 138 -4.91 -27.51 0.87
C LEU A 138 -3.41 -27.68 1.06
N LYS A 139 -3.03 -28.07 2.27
CA LYS A 139 -1.63 -28.35 2.63
C LYS A 139 -1.05 -29.44 1.74
N GLN A 140 -1.83 -30.50 1.54
CA GLN A 140 -1.42 -31.65 0.73
C GLN A 140 -1.39 -31.31 -0.76
N ALA A 141 -2.33 -30.48 -1.19
CA ALA A 141 -2.42 -30.04 -2.58
C ALA A 141 -1.20 -29.22 -3.02
N LEU A 142 -0.72 -28.36 -2.14
CA LEU A 142 0.44 -27.51 -2.42
C LEU A 142 1.73 -28.33 -2.54
N ASP A 143 1.84 -29.41 -1.77
CA ASP A 143 3.01 -30.28 -1.79
C ASP A 143 3.07 -31.16 -3.04
N LYS A 144 1.91 -31.68 -3.45
CA LYS A 144 1.82 -32.59 -4.59
C LYS A 144 2.28 -31.93 -5.89
N HIS A 145 2.00 -30.64 -6.04
CA HIS A 145 2.31 -29.92 -7.27
C HIS A 145 3.60 -29.11 -7.21
N GLY A 146 4.02 -28.75 -5.99
CA GLY A 146 5.26 -28.00 -5.79
C GLY A 146 5.11 -26.50 -5.93
N PHE A 147 3.93 -25.99 -5.56
CA PHE A 147 3.64 -24.56 -5.62
C PHE A 147 4.42 -23.78 -4.55
N ASP A 148 4.95 -22.63 -4.94
CA ASP A 148 5.66 -21.77 -4.00
C ASP A 148 4.91 -20.48 -3.65
N ALA A 149 3.77 -20.26 -4.29
CA ALA A 149 2.92 -19.10 -3.99
C ALA A 149 1.45 -19.45 -4.18
N ALA A 150 0.60 -18.94 -3.28
CA ALA A 150 -0.82 -19.27 -3.30
C ALA A 150 -1.70 -18.06 -3.06
N PHE A 151 -2.57 -17.77 -4.03
CA PHE A 151 -3.49 -16.63 -3.94
C PHE A 151 -4.74 -16.96 -3.14
N GLY A 152 -4.90 -16.27 -2.02
CA GLY A 152 -6.12 -16.38 -1.22
C GLY A 152 -6.90 -15.08 -1.28
N GLY A 153 -8.22 -15.20 -1.28
CA GLY A 153 -9.10 -14.03 -1.39
C GLY A 153 -9.59 -13.48 -0.07
N ALA A 154 -8.89 -13.82 1.01
CA ALA A 154 -9.25 -13.36 2.35
C ALA A 154 -9.08 -11.84 2.47
N ARG A 155 -9.97 -11.21 3.23
CA ARG A 155 -9.97 -9.76 3.43
C ARG A 155 -9.62 -9.41 4.88
N ARG A 156 -9.00 -8.25 5.08
CA ARG A 156 -8.61 -7.81 6.42
C ARG A 156 -9.80 -7.43 7.31
N ASP A 157 -10.92 -7.04 6.72
CA ASP A 157 -12.09 -6.63 7.50
C ASP A 157 -13.02 -7.79 7.86
N GLU A 158 -12.67 -8.99 7.40
CA GLU A 158 -13.50 -10.18 7.60
C GLU A 158 -13.45 -10.72 9.03
N GLU A 159 -12.27 -10.65 9.64
CA GLU A 159 -12.08 -11.01 11.04
C GLU A 159 -11.15 -10.00 11.71
N LYS A 160 -11.36 -9.78 13.00
CA LYS A 160 -10.60 -8.78 13.76
C LYS A 160 -9.08 -8.94 13.67
N SER A 161 -8.60 -10.18 13.81
CA SER A 161 -7.16 -10.48 13.76
C SER A 161 -6.52 -10.07 12.44
N ARG A 162 -7.28 -10.16 11.35
CA ARG A 162 -6.79 -9.88 10.01
C ARG A 162 -6.24 -8.45 9.84
N ALA A 163 -6.53 -7.58 10.81
CA ALA A 163 -6.10 -6.18 10.76
C ALA A 163 -4.57 -6.00 10.69
N LYS A 164 -3.84 -6.87 11.39
CA LYS A 164 -2.39 -6.83 11.40
C LYS A 164 -1.79 -7.75 10.33
N GLU A 165 -2.64 -8.31 9.47
CA GLU A 165 -2.20 -9.18 8.40
C GLU A 165 -1.52 -8.41 7.29
N ARG A 166 -0.55 -9.05 6.65
CA ARG A 166 0.13 -8.51 5.49
C ARG A 166 -0.38 -9.16 4.20
N VAL A 167 -0.04 -8.59 3.06
CA VAL A 167 -0.39 -9.16 1.76
C VAL A 167 0.34 -10.50 1.54
N TYR A 168 1.63 -10.53 1.84
CA TYR A 168 2.45 -11.73 1.72
C TYR A 168 2.54 -12.41 3.09
N SER A 169 2.23 -13.70 3.14
CA SER A 169 2.34 -14.49 4.36
C SER A 169 3.30 -15.66 4.16
N PHE A 170 4.50 -15.53 4.72
CA PHE A 170 5.59 -16.47 4.47
C PHE A 170 5.50 -17.74 5.30
N ARG A 171 5.52 -18.88 4.61
CA ARG A 171 5.49 -20.19 5.25
C ARG A 171 6.81 -20.93 5.00
N ASP A 172 7.22 -21.75 5.95
CA ASP A 172 8.47 -22.51 5.83
C ASP A 172 8.25 -23.84 5.08
N SER A 173 9.28 -24.67 5.09
CA SER A 173 9.26 -25.97 4.39
C SER A 173 8.15 -26.88 4.94
N LYS A 174 8.16 -27.09 6.25
CA LYS A 174 7.11 -27.89 6.91
C LYS A 174 5.79 -27.14 7.04
N HIS A 175 5.73 -25.94 6.46
CA HIS A 175 4.49 -25.22 6.18
C HIS A 175 4.01 -24.20 7.22
N ARG A 176 4.65 -24.18 8.38
CA ARG A 176 4.25 -23.29 9.48
C ARG A 176 4.58 -21.81 9.25
N TRP A 177 3.97 -20.95 10.06
CA TRP A 177 4.13 -19.50 10.01
C TRP A 177 5.04 -19.02 11.15
N ASP A 178 6.05 -18.22 10.81
CA ASP A 178 6.96 -17.67 11.82
C ASP A 178 7.07 -16.15 11.76
N PRO A 179 6.90 -15.48 12.91
CA PRO A 179 6.85 -14.01 13.03
C PRO A 179 8.06 -13.27 12.44
N LYS A 180 9.27 -13.74 12.72
CA LYS A 180 10.50 -13.08 12.26
C LYS A 180 10.75 -13.28 10.76
N ASN A 181 10.08 -14.26 10.17
CA ASN A 181 10.15 -14.50 8.73
C ASN A 181 9.21 -13.59 7.94
N GLN A 182 8.31 -12.91 8.64
CA GLN A 182 7.40 -11.96 8.01
C GLN A 182 8.10 -10.62 7.78
N ARG A 183 7.74 -9.96 6.68
CA ARG A 183 8.44 -8.77 6.23
C ARG A 183 7.54 -7.53 6.16
N PRO A 184 8.06 -6.36 6.58
CA PRO A 184 7.28 -5.13 6.50
C PRO A 184 6.97 -4.80 5.05
N GLU A 185 5.72 -4.47 4.77
CA GLU A 185 5.29 -4.12 3.41
C GLU A 185 5.15 -2.61 3.27
N LEU A 186 6.11 -2.03 2.57
CA LEU A 186 6.30 -0.58 2.61
C LEU A 186 5.37 0.21 1.69
N TRP A 187 5.60 0.16 0.38
CA TRP A 187 4.74 0.96 -0.50
C TRP A 187 3.79 0.05 -1.25
N ASN A 188 4.02 -0.12 -2.55
CA ASN A 188 3.48 -1.27 -3.26
C ASN A 188 4.66 -2.09 -3.78
N VAL A 189 5.80 -1.89 -3.13
CA VAL A 189 6.99 -2.71 -3.30
C VAL A 189 6.88 -3.89 -2.35
N TYR A 190 6.99 -5.10 -2.88
CA TYR A 190 6.86 -6.30 -2.08
C TYR A 190 8.10 -7.18 -2.22
N ASN A 191 8.50 -7.82 -1.12
CA ASN A 191 9.66 -8.69 -1.12
C ASN A 191 9.23 -10.15 -1.24
N GLY A 192 9.57 -10.77 -2.36
CA GLY A 192 9.19 -12.16 -2.61
C GLY A 192 10.34 -13.14 -2.54
N ASN A 193 11.53 -12.63 -2.21
CA ASN A 193 12.71 -13.49 -2.05
C ASN A 193 12.45 -14.61 -1.07
N VAL A 194 12.39 -15.83 -1.60
CA VAL A 194 12.07 -17.00 -0.79
C VAL A 194 13.11 -18.10 -1.00
N ASN A 195 13.26 -18.96 -0.01
CA ASN A 195 14.21 -20.06 -0.09
C ASN A 195 13.63 -21.31 -0.74
N LYS A 196 14.49 -22.27 -1.04
CA LYS A 196 14.09 -23.51 -1.69
C LYS A 196 13.20 -24.33 -0.76
N GLY A 197 11.97 -24.57 -1.18
CA GLY A 197 11.00 -25.33 -0.39
C GLY A 197 10.08 -24.45 0.46
N GLU A 198 10.30 -23.14 0.40
CA GLU A 198 9.47 -22.19 1.12
C GLU A 198 8.39 -21.61 0.22
N SER A 199 7.21 -21.36 0.79
CA SER A 199 6.07 -20.87 0.03
C SER A 199 5.39 -19.70 0.73
N ILE A 200 4.60 -18.93 -0.02
CA ILE A 200 3.89 -17.78 0.54
C ILE A 200 2.37 -17.87 0.33
N ARG A 201 1.65 -17.04 1.08
CA ARG A 201 0.22 -16.84 0.88
C ARG A 201 -0.02 -15.38 0.51
N VAL A 202 -0.69 -15.16 -0.61
CA VAL A 202 -0.91 -13.81 -1.12
C VAL A 202 -2.38 -13.43 -1.02
N PHE A 203 -2.65 -12.23 -0.51
CA PHE A 203 -4.02 -11.76 -0.34
C PHE A 203 -4.27 -10.45 -1.08
N PRO A 204 -4.56 -10.54 -2.40
CA PRO A 204 -4.83 -9.38 -3.27
C PRO A 204 -5.98 -8.50 -2.77
N LEU A 205 -6.94 -9.12 -2.08
CA LEU A 205 -8.19 -8.46 -1.72
C LEU A 205 -8.18 -7.88 -0.31
N SER A 206 -7.01 -7.88 0.33
CA SER A 206 -6.91 -7.49 1.74
C SER A 206 -7.40 -6.08 2.05
N ASN A 207 -7.34 -5.17 1.07
CA ASN A 207 -7.80 -3.79 1.28
C ASN A 207 -9.28 -3.58 0.95
N TRP A 208 -9.91 -4.58 0.34
CA TRP A 208 -11.33 -4.51 -0.03
C TRP A 208 -12.21 -4.77 1.19
N THR A 209 -13.39 -4.14 1.20
CA THR A 209 -14.37 -4.38 2.24
C THR A 209 -15.55 -5.16 1.67
N GLU A 210 -16.42 -5.67 2.54
CA GLU A 210 -17.64 -6.36 2.12
C GLU A 210 -18.42 -5.54 1.09
N LEU A 211 -18.50 -4.23 1.32
CA LEU A 211 -19.20 -3.31 0.43
C LEU A 211 -18.47 -3.16 -0.90
N ASP A 212 -17.14 -3.05 -0.86
CA ASP A 212 -16.33 -2.95 -2.06
C ASP A 212 -16.58 -4.11 -3.02
N ILE A 213 -16.56 -5.33 -2.50
CA ILE A 213 -16.74 -6.54 -3.29
C ILE A 213 -18.07 -6.60 -4.04
N TRP A 214 -19.18 -6.45 -3.32
CA TRP A 214 -20.50 -6.49 -3.91
C TRP A 214 -20.66 -5.37 -4.94
N GLN A 215 -20.19 -4.18 -4.57
CA GLN A 215 -20.18 -3.01 -5.46
C GLN A 215 -19.37 -3.30 -6.73
N TYR A 216 -18.29 -4.06 -6.59
CA TYR A 216 -17.48 -4.47 -7.72
C TYR A 216 -18.20 -5.53 -8.54
N ILE A 217 -18.81 -6.50 -7.86
CA ILE A 217 -19.57 -7.56 -8.52
C ILE A 217 -20.69 -6.97 -9.36
N TYR A 218 -21.42 -6.01 -8.80
CA TYR A 218 -22.55 -5.36 -9.47
C TYR A 218 -22.13 -4.59 -10.72
N LEU A 219 -21.07 -3.78 -10.60
CA LEU A 219 -20.64 -2.91 -11.70
C LEU A 219 -19.94 -3.68 -12.83
N GLU A 220 -19.29 -4.78 -12.49
CA GLU A 220 -18.56 -5.59 -13.47
C GLU A 220 -19.42 -6.67 -14.10
N GLY A 221 -20.53 -7.01 -13.45
CA GLY A 221 -21.39 -8.09 -13.90
C GLY A 221 -20.72 -9.44 -13.78
N ILE A 222 -20.03 -9.66 -12.66
CA ILE A 222 -19.40 -10.93 -12.37
C ILE A 222 -20.47 -11.96 -12.02
N PRO A 223 -20.52 -13.08 -12.75
CA PRO A 223 -21.46 -14.16 -12.45
C PRO A 223 -21.29 -14.68 -11.03
N ILE A 224 -22.41 -14.94 -10.37
CA ILE A 224 -22.41 -15.33 -8.95
C ILE A 224 -23.43 -16.44 -8.66
N VAL A 225 -23.09 -17.32 -7.73
CA VAL A 225 -23.95 -18.43 -7.31
C VAL A 225 -25.30 -17.89 -6.79
N PRO A 226 -26.42 -18.41 -7.33
CA PRO A 226 -27.79 -17.97 -7.01
C PRO A 226 -28.10 -17.76 -5.52
N LEU A 227 -27.39 -18.45 -4.64
CA LEU A 227 -27.54 -18.25 -3.20
C LEU A 227 -26.86 -16.95 -2.79
N TYR A 228 -27.58 -16.09 -2.07
CA TYR A 228 -27.05 -14.77 -1.73
C TYR A 228 -26.54 -14.62 -0.30
N PHE A 229 -26.31 -15.74 0.37
CA PHE A 229 -25.73 -15.74 1.72
C PHE A 229 -24.32 -16.34 1.75
N ALA A 230 -23.39 -15.59 2.34
CA ALA A 230 -21.98 -15.99 2.47
C ALA A 230 -21.82 -17.51 2.61
N ALA A 231 -21.12 -18.10 1.64
CA ALA A 231 -21.03 -19.56 1.52
C ALA A 231 -20.17 -20.17 2.63
N LEU B 16 -26.37 3.11 -1.77
CA LEU B 16 -26.76 2.68 -3.15
C LEU B 16 -26.86 3.88 -4.10
N GLY B 17 -26.31 3.72 -5.30
CA GLY B 17 -26.35 4.75 -6.33
C GLY B 17 -25.19 5.73 -6.27
N GLN B 18 -25.05 6.37 -5.11
CA GLN B 18 -24.02 7.38 -4.89
C GLN B 18 -22.68 6.78 -4.44
N HIS B 19 -22.74 5.58 -3.87
CA HIS B 19 -21.57 4.89 -3.34
C HIS B 19 -20.67 4.28 -4.40
N GLU B 20 -21.02 4.52 -5.67
CA GLU B 20 -20.28 3.95 -6.80
C GLU B 20 -19.06 4.77 -7.21
N ARG B 21 -19.12 6.09 -6.98
CA ARG B 21 -18.03 6.98 -7.35
C ARG B 21 -17.46 7.74 -6.15
N LYS B 22 -16.57 7.06 -5.43
CA LYS B 22 -15.92 7.60 -4.24
C LYS B 22 -14.41 7.56 -4.43
N GLU B 23 -13.69 8.40 -3.67
CA GLU B 23 -12.24 8.32 -3.63
C GLU B 23 -11.78 7.45 -2.45
N LEU B 25 -9.01 7.52 0.65
CA LEU B 25 -8.00 8.23 1.43
C LEU B 25 -7.47 7.33 2.54
N ARG B 26 -6.16 7.13 2.55
CA ARG B 26 -5.51 6.40 3.63
C ARG B 26 -4.90 7.43 4.57
N PHE B 27 -5.25 7.35 5.85
CA PHE B 27 -4.68 8.26 6.84
C PHE B 27 -4.11 7.55 8.06
N LEU B 28 -3.04 8.14 8.60
CA LEU B 28 -2.30 7.57 9.72
C LEU B 28 -2.68 8.27 11.02
N THR B 29 -2.72 7.50 12.11
CA THR B 29 -3.01 8.06 13.43
C THR B 29 -1.77 7.98 14.31
N CYS B 30 -1.38 9.12 14.86
CA CYS B 30 -0.15 9.25 15.64
C CYS B 30 -0.38 9.86 17.02
N GLY B 31 0.12 9.17 18.04
CA GLY B 31 -0.01 9.62 19.42
C GLY B 31 0.41 8.55 20.40
N ASN B 32 0.58 8.95 21.66
CA ASN B 32 0.99 8.02 22.70
C ASN B 32 -0.16 7.58 23.61
N VAL B 33 0.14 6.67 24.53
CA VAL B 33 -0.84 6.12 25.48
C VAL B 33 -1.66 7.21 26.14
N ASP B 34 -2.98 7.07 26.05
CA ASP B 34 -3.95 7.94 26.72
C ASP B 34 -4.16 9.31 26.06
N ASP B 35 -3.68 9.50 24.83
CA ASP B 35 -3.96 10.73 24.10
C ASP B 35 -5.41 10.72 23.65
N GLY B 36 -5.93 9.53 23.41
CA GLY B 36 -7.34 9.33 23.12
C GLY B 36 -7.62 8.84 21.72
N LYS B 37 -6.70 8.07 21.14
CA LYS B 37 -6.90 7.62 19.76
C LYS B 37 -7.83 6.43 19.57
N SER B 38 -7.95 5.58 20.59
CA SER B 38 -8.97 4.53 20.57
C SER B 38 -10.37 5.14 20.62
N THR B 39 -10.51 6.20 21.40
CA THR B 39 -11.77 6.95 21.47
C THR B 39 -12.04 7.67 20.16
N LEU B 40 -11.01 8.27 19.57
CA LEU B 40 -11.16 9.00 18.32
C LEU B 40 -11.54 8.09 17.15
N ILE B 41 -10.75 7.03 16.94
CA ILE B 41 -11.02 6.05 15.90
C ILE B 41 -12.41 5.45 16.09
N GLY B 42 -12.72 5.04 17.32
CA GLY B 42 -14.03 4.50 17.68
C GLY B 42 -15.15 5.45 17.32
N ARG B 43 -14.93 6.74 17.60
CA ARG B 43 -15.90 7.79 17.28
C ARG B 43 -16.08 7.92 15.77
N LEU B 44 -14.99 7.81 15.01
CA LEU B 44 -15.05 7.92 13.56
C LEU B 44 -15.74 6.72 12.92
N LEU B 45 -15.32 5.51 13.30
CA LEU B 45 -15.91 4.27 12.80
C LEU B 45 -17.40 4.18 13.12
N HIS B 46 -17.80 4.83 14.21
CA HIS B 46 -19.17 4.74 14.71
C HIS B 46 -20.10 5.79 14.09
N ASP B 47 -19.67 7.05 14.11
CA ASP B 47 -20.50 8.16 13.65
C ASP B 47 -20.61 8.23 12.12
N SER B 48 -19.80 7.44 11.42
CA SER B 48 -19.90 7.29 9.98
C SER B 48 -21.02 6.31 9.61
N LYS B 49 -21.52 5.59 10.62
CA LYS B 49 -22.59 4.61 10.43
C LYS B 49 -23.97 5.18 10.79
N ILE B 51 -25.60 7.36 9.74
CA ILE B 51 -25.96 8.13 8.55
C ILE B 51 -25.33 9.52 8.53
N GLY B 70 -28.01 3.97 22.90
CA GLY B 70 -27.35 3.54 21.66
C GLY B 70 -25.83 3.51 21.78
N ASP B 71 -25.35 3.19 22.98
CA ASP B 71 -23.92 3.08 23.24
C ASP B 71 -23.43 1.67 22.91
N ASP B 72 -23.40 1.36 21.61
CA ASP B 72 -23.07 0.02 21.12
C ASP B 72 -21.60 -0.31 21.33
N LEU B 75 -20.93 2.60 20.39
CA LEU B 75 -19.66 3.29 20.55
C LEU B 75 -18.79 2.68 21.65
N ALA B 76 -19.40 2.41 22.80
CA ALA B 76 -18.69 1.88 23.97
C ALA B 76 -17.97 0.57 23.67
N LEU B 77 -18.68 -0.36 23.04
CA LEU B 77 -18.11 -1.66 22.68
C LEU B 77 -17.10 -1.56 21.54
N LEU B 78 -17.30 -0.59 20.65
CA LEU B 78 -16.30 -0.29 19.62
C LEU B 78 -14.99 0.19 20.23
N VAL B 79 -15.08 1.11 21.18
CA VAL B 79 -13.89 1.68 21.83
C VAL B 79 -13.19 0.62 22.69
N ASP B 80 -13.98 -0.24 23.33
CA ASP B 80 -13.47 -1.36 24.12
C ASP B 80 -12.60 -2.31 23.30
N GLY B 81 -13.13 -2.75 22.17
CA GLY B 81 -12.41 -3.66 21.28
C GLY B 81 -11.08 -3.09 20.86
N LEU B 82 -11.10 -1.82 20.47
CA LEU B 82 -9.90 -1.11 20.04
C LEU B 82 -8.89 -0.92 21.18
N GLN B 83 -9.38 -0.79 22.41
CA GLN B 83 -8.52 -0.71 23.58
C GLN B 83 -7.95 -2.08 23.95
N ALA B 84 -8.60 -3.15 23.49
CA ALA B 84 -8.15 -4.51 23.76
C ALA B 84 -7.25 -5.01 22.63
N ILE B 90 7.23 -6.74 20.80
CA ILE B 90 8.07 -6.66 19.62
C ILE B 90 7.36 -7.22 18.39
N THR B 91 7.01 -6.33 17.46
CA THR B 91 6.25 -6.71 16.27
C THR B 91 6.42 -5.68 15.14
N ILE B 92 6.30 -6.15 13.90
CA ILE B 92 6.34 -5.27 12.73
C ILE B 92 4.93 -4.86 12.28
N ASP B 93 3.94 -5.20 13.10
CA ASP B 93 2.53 -5.09 12.74
C ASP B 93 2.01 -3.67 12.65
N VAL B 94 1.21 -3.43 11.62
CA VAL B 94 0.42 -2.22 11.46
C VAL B 94 -1.04 -2.66 11.46
N ALA B 95 -1.87 -1.96 12.23
CA ALA B 95 -3.30 -2.23 12.24
C ALA B 95 -4.01 -1.41 11.15
N TYR B 96 -4.68 -2.11 10.25
CA TYR B 96 -5.43 -1.43 9.20
C TYR B 96 -6.93 -1.51 9.46
N ARG B 97 -7.54 -0.34 9.57
CA ARG B 97 -8.95 -0.19 9.89
C ARG B 97 -9.72 0.32 8.68
N TYR B 98 -10.97 -0.10 8.54
CA TYR B 98 -11.75 0.24 7.36
C TYR B 98 -13.12 0.81 7.72
N PHE B 99 -13.45 1.94 7.09
CA PHE B 99 -14.79 2.52 7.16
C PHE B 99 -15.01 3.46 5.97
N SER B 100 -16.25 3.85 5.73
CA SER B 100 -16.56 4.73 4.60
C SER B 100 -17.69 5.71 4.90
N THR B 101 -17.81 6.71 4.04
CA THR B 101 -18.99 7.58 4.01
C THR B 101 -19.59 7.49 2.60
N ALA B 102 -20.52 8.38 2.29
CA ALA B 102 -21.03 8.50 0.92
C ALA B 102 -20.00 9.19 0.03
N LYS B 103 -19.14 10.00 0.66
CA LYS B 103 -18.15 10.80 -0.05
C LYS B 103 -16.94 9.97 -0.46
N ARG B 104 -16.27 9.35 0.52
CA ARG B 104 -15.10 8.54 0.21
C ARG B 104 -14.86 7.30 1.09
N LYS B 105 -13.93 6.47 0.66
CA LYS B 105 -13.48 5.27 1.35
C LYS B 105 -12.26 5.61 2.21
N PHE B 106 -12.19 5.04 3.42
CA PHE B 106 -11.10 5.34 4.34
C PHE B 106 -10.36 4.09 4.83
N ILE B 107 -9.03 4.14 4.79
CA ILE B 107 -8.21 3.15 5.46
C ILE B 107 -7.41 3.83 6.57
N ILE B 108 -7.63 3.40 7.81
CA ILE B 108 -6.86 3.94 8.93
C ILE B 108 -5.66 3.05 9.19
N ALA B 109 -4.48 3.65 9.13
CA ALA B 109 -3.25 2.98 9.53
C ALA B 109 -2.97 3.29 11.00
N ASP B 110 -3.15 2.30 11.86
CA ASP B 110 -2.92 2.43 13.29
C ASP B 110 -1.63 1.74 13.72
N THR B 111 -0.82 2.47 14.48
CA THR B 111 0.47 2.00 14.97
C THR B 111 0.75 2.63 16.33
N PRO B 112 1.42 1.89 17.24
CA PRO B 112 1.73 2.47 18.55
C PRO B 112 2.74 3.61 18.44
N GLY B 113 2.68 4.56 19.38
CA GLY B 113 3.50 5.77 19.30
C GLY B 113 4.87 5.74 19.95
N HIS B 114 5.21 4.62 20.58
CA HIS B 114 6.50 4.48 21.28
C HIS B 114 7.65 4.36 20.28
N GLU B 115 8.79 4.96 20.62
CA GLU B 115 10.00 4.95 19.78
C GLU B 115 10.31 3.59 19.18
N GLN B 116 10.11 2.54 19.98
CA GLN B 116 10.32 1.15 19.58
C GLN B 116 9.53 0.75 18.35
N TYR B 117 8.45 1.47 18.06
CA TYR B 117 7.59 1.17 16.91
C TYR B 117 7.70 2.24 15.83
N THR B 118 8.91 2.74 15.61
CA THR B 118 9.16 3.74 14.57
C THR B 118 9.03 3.10 13.20
N ARG B 119 9.66 1.94 13.01
CA ARG B 119 9.56 1.18 11.77
C ARG B 119 8.11 0.88 11.42
N ASN B 120 7.33 0.54 12.45
CA ASN B 120 5.90 0.29 12.30
C ASN B 120 5.17 1.52 11.77
N ALA B 122 6.61 4.02 10.21
CA ALA B 122 7.17 4.24 8.89
C ALA B 122 6.47 3.40 7.82
N THR B 123 6.32 2.11 8.10
CA THR B 123 5.60 1.19 7.22
C THR B 123 4.20 1.70 6.91
N GLY B 124 3.47 2.10 7.95
CA GLY B 124 2.13 2.67 7.80
C GLY B 124 2.10 3.99 7.05
N ALA B 125 3.06 4.86 7.36
CA ALA B 125 3.12 6.19 6.74
C ALA B 125 3.40 6.19 5.24
N SER B 126 4.01 5.11 4.74
CA SER B 126 4.45 5.02 3.34
C SER B 126 3.32 5.07 2.29
N THR B 127 2.14 4.58 2.65
CA THR B 127 0.99 4.60 1.75
C THR B 127 -0.05 5.67 2.09
N CYS B 128 0.12 6.34 3.22
CA CYS B 128 -0.87 7.32 3.69
C CYS B 128 -0.82 8.64 2.94
N ASP B 129 -2.00 9.25 2.80
CA ASP B 129 -2.15 10.57 2.20
C ASP B 129 -2.15 11.68 3.26
N LEU B 130 -2.58 11.33 4.48
CA LEU B 130 -2.77 12.29 5.56
C LEU B 130 -2.39 11.67 6.91
N ALA B 131 -1.89 12.50 7.82
CA ALA B 131 -1.63 12.05 9.19
C ALA B 131 -2.40 12.87 10.22
N ILE B 132 -3.02 12.18 11.17
CA ILE B 132 -3.61 12.84 12.33
C ILE B 132 -2.61 12.79 13.46
N ILE B 133 -1.96 13.93 13.72
CA ILE B 133 -1.02 14.04 14.84
C ILE B 133 -1.81 14.45 16.08
N LEU B 134 -1.98 13.49 16.99
CA LEU B 134 -2.85 13.66 18.15
C LEU B 134 -2.10 14.18 19.38
N VAL B 135 -2.51 15.33 19.89
CA VAL B 135 -1.93 15.88 21.11
C VAL B 135 -2.94 16.04 22.25
N ASP B 136 -2.47 15.84 23.47
CA ASP B 136 -3.27 16.09 24.67
C ASP B 136 -3.19 17.58 24.96
N ALA B 137 -4.36 18.20 25.16
CA ALA B 137 -4.43 19.65 25.32
C ALA B 137 -3.64 20.19 26.51
N ARG B 138 -3.51 19.38 27.56
CA ARG B 138 -2.78 19.80 28.76
C ARG B 138 -1.27 19.73 28.58
N TYR B 139 -0.81 18.84 27.69
CA TYR B 139 0.63 18.63 27.52
C TYR B 139 1.22 19.35 26.30
N GLY B 140 0.40 19.54 25.27
CA GLY B 140 0.83 20.23 24.06
C GLY B 140 1.84 19.41 23.28
N VAL B 141 2.70 20.10 22.52
CA VAL B 141 3.71 19.44 21.69
C VAL B 141 4.78 18.78 22.56
N GLN B 142 4.90 17.47 22.42
CA GLN B 142 5.88 16.68 23.17
C GLN B 142 6.91 16.08 22.22
N THR B 143 7.83 15.26 22.73
CA THR B 143 8.85 14.64 21.89
C THR B 143 8.24 13.68 20.88
N GLN B 144 7.20 12.95 21.30
CA GLN B 144 6.47 12.05 20.41
C GLN B 144 5.71 12.80 19.31
N THR B 145 5.23 14.00 19.63
CA THR B 145 4.61 14.87 18.63
C THR B 145 5.64 15.23 17.56
N ARG B 146 6.84 15.61 17.99
CA ARG B 146 7.92 15.95 17.09
C ARG B 146 8.36 14.75 16.26
N ARG B 147 8.48 13.60 16.91
CA ARG B 147 8.96 12.38 16.27
C ARG B 147 7.97 11.89 15.20
N HIS B 148 6.68 11.81 15.55
CA HIS B 148 5.66 11.36 14.62
C HIS B 148 5.56 12.28 13.41
N SER B 149 5.71 13.59 13.64
CA SER B 149 5.62 14.57 12.58
C SER B 149 6.75 14.36 11.58
N TYR B 150 7.95 14.12 12.10
CA TYR B 150 9.12 13.89 11.25
C TYR B 150 8.90 12.67 10.35
N ILE B 151 8.48 11.57 10.97
CA ILE B 151 8.23 10.32 10.25
C ILE B 151 7.21 10.50 9.12
N ALA B 152 6.10 11.16 9.44
CA ALA B 152 5.09 11.51 8.45
C ALA B 152 5.67 12.35 7.31
N SER B 153 6.44 13.37 7.67
CA SER B 153 7.06 14.25 6.69
C SER B 153 8.10 13.52 5.85
N LEU B 154 8.92 12.70 6.51
CA LEU B 154 9.92 11.87 5.87
C LEU B 154 9.32 10.93 4.84
N LEU B 155 8.15 10.37 5.13
CA LEU B 155 7.50 9.41 4.23
C LEU B 155 6.53 10.05 3.23
N GLY B 156 6.60 11.36 3.09
CA GLY B 156 5.93 12.08 2.02
C GLY B 156 4.45 12.30 2.20
N ILE B 157 4.00 12.38 3.45
CA ILE B 157 2.61 12.71 3.77
C ILE B 157 2.38 14.20 3.56
N LYS B 158 1.54 14.54 2.60
CA LYS B 158 1.32 15.94 2.19
C LYS B 158 0.22 16.66 2.97
N HIS B 159 -0.45 15.96 3.87
CA HIS B 159 -1.55 16.54 4.63
C HIS B 159 -1.50 16.10 6.09
N ILE B 160 -1.32 17.06 7.00
CA ILE B 160 -1.39 16.74 8.42
C ILE B 160 -2.48 17.54 9.13
N VAL B 161 -3.14 16.88 10.07
CA VAL B 161 -4.09 17.56 10.95
C VAL B 161 -3.68 17.34 12.40
N VAL B 162 -3.37 18.44 13.07
CA VAL B 162 -3.00 18.39 14.48
C VAL B 162 -4.30 18.34 15.27
N ALA B 163 -4.60 17.16 15.80
CA ALA B 163 -5.83 16.96 16.56
C ALA B 163 -5.55 17.23 18.04
N ILE B 164 -5.86 18.46 18.45
CA ILE B 164 -5.65 18.88 19.83
C ILE B 164 -6.85 18.41 20.67
N ASN B 165 -6.67 17.26 21.29
CA ASN B 165 -7.75 16.53 21.95
C ASN B 165 -7.90 16.91 23.43
N LYS B 166 -9.03 16.54 24.01
CA LYS B 166 -9.36 16.82 25.41
C LYS B 166 -9.54 18.30 25.70
N ASP B 168 -12.24 19.64 25.98
CA ASP B 168 -13.37 19.70 26.90
C ASP B 168 -12.90 19.91 28.33
N LEU B 169 -11.69 19.43 28.63
CA LEU B 169 -11.12 19.52 29.97
C LEU B 169 -10.71 20.94 30.36
N ASN B 170 -10.24 21.72 29.38
CA ASN B 170 -9.83 23.11 29.64
C ASN B 170 -10.94 24.15 29.42
N GLY B 171 -12.16 23.68 29.18
CA GLY B 171 -13.31 24.55 28.94
C GLY B 171 -13.29 25.23 27.58
N PHE B 172 -12.67 24.57 26.60
CA PHE B 172 -12.46 25.12 25.26
C PHE B 172 -11.82 26.50 25.32
N ASP B 173 -10.78 26.58 26.15
CA ASP B 173 -9.88 27.73 26.25
C ASP B 173 -9.19 27.97 24.92
N GLU B 174 -9.53 29.07 24.25
CA GLU B 174 -8.89 29.44 23.00
C GLU B 174 -7.39 29.69 23.19
N ARG B 175 -7.01 30.27 24.33
CA ARG B 175 -5.62 30.58 24.62
C ARG B 175 -4.75 29.32 24.52
N VAL B 176 -5.22 28.22 25.09
CA VAL B 176 -4.51 26.95 25.05
C VAL B 176 -4.34 26.45 23.61
N PHE B 177 -5.42 26.49 22.84
CA PHE B 177 -5.40 26.09 21.45
C PHE B 177 -4.37 26.90 20.65
N GLU B 178 -4.41 28.21 20.81
CA GLU B 178 -3.52 29.12 20.08
C GLU B 178 -2.06 28.92 20.50
N SER B 179 -1.85 28.62 21.78
CA SER B 179 -0.52 28.30 22.29
C SER B 179 0.08 27.08 21.61
N ILE B 180 -0.73 26.02 21.49
CA ILE B 180 -0.27 24.75 20.93
C ILE B 180 -0.06 24.84 19.41
N LYS B 181 -0.96 25.56 18.73
CA LYS B 181 -0.86 25.78 17.30
C LYS B 181 0.42 26.53 16.95
N ALA B 182 0.71 27.60 17.69
CA ALA B 182 1.86 28.45 17.43
C ALA B 182 3.19 27.73 17.61
N ASP B 183 3.30 26.92 18.65
CA ASP B 183 4.58 26.27 18.93
C ASP B 183 4.77 24.96 18.14
N TYR B 184 3.68 24.45 17.57
CA TYR B 184 3.78 23.39 16.57
C TYR B 184 4.26 23.97 15.24
N LEU B 185 3.75 25.15 14.91
CA LEU B 185 4.14 25.86 13.69
C LEU B 185 5.60 26.27 13.75
N LYS B 186 6.05 26.59 14.96
CA LYS B 186 7.45 26.96 15.18
C LYS B 186 8.35 25.75 14.97
N PHE B 187 7.90 24.60 15.46
CA PHE B 187 8.59 23.33 15.25
C PHE B 187 8.62 22.97 13.76
N ALA B 188 7.48 23.10 13.10
CA ALA B 188 7.35 22.79 11.68
C ALA B 188 8.29 23.65 10.82
N GLU B 189 8.45 24.90 11.24
CA GLU B 189 9.31 25.86 10.54
C GLU B 189 10.76 25.40 10.54
N GLY B 190 11.16 24.75 11.63
CA GLY B 190 12.53 24.24 11.77
C GLY B 190 12.71 22.80 11.31
N ILE B 191 12.04 22.43 10.23
CA ILE B 191 12.22 21.13 9.58
C ILE B 191 12.15 21.33 8.07
N ALA B 192 11.76 22.55 7.67
CA ALA B 192 11.32 22.83 6.30
C ALA B 192 10.09 21.98 5.99
N PHE B 193 9.32 21.70 7.05
CA PHE B 193 8.12 20.87 6.97
C PHE B 193 6.98 21.71 6.38
N LYS B 194 6.86 21.65 5.06
CA LYS B 194 5.86 22.40 4.31
C LYS B 194 4.94 21.42 3.56
N PRO B 195 3.96 20.84 4.26
CA PRO B 195 2.99 20.01 3.57
C PRO B 195 1.94 20.88 2.90
N THR B 196 1.20 20.32 1.96
CA THR B 196 0.22 21.11 1.20
C THR B 196 -0.96 21.59 2.04
N THR B 197 -1.33 20.84 3.07
CA THR B 197 -2.31 21.31 4.04
C THR B 197 -1.91 20.99 5.48
N ALA B 199 -3.72 21.60 9.24
CA ALA B 199 -4.90 22.05 9.96
C ALA B 199 -4.79 21.80 11.46
N PHE B 200 -5.34 22.73 12.24
CA PHE B 200 -5.40 22.57 13.69
C PHE B 200 -6.85 22.52 14.13
N VAL B 201 -7.24 21.38 14.70
CA VAL B 201 -8.62 21.18 15.14
C VAL B 201 -8.69 20.99 16.65
N PRO B 202 -9.48 21.84 17.34
CA PRO B 202 -9.76 21.65 18.75
C PRO B 202 -10.95 20.71 18.89
N SER B 204 -12.94 17.13 21.15
CA SER B 204 -13.08 16.20 22.27
C SER B 204 -13.51 14.87 21.66
N ALA B 205 -12.58 13.92 21.60
CA ALA B 205 -12.88 12.59 21.10
C ALA B 205 -13.98 11.94 21.94
N LEU B 206 -13.88 12.14 23.26
CA LEU B 206 -14.84 11.62 24.21
C LEU B 206 -16.27 12.17 24.02
N LYS B 207 -16.37 13.49 23.81
CA LYS B 207 -17.66 14.16 23.77
C LYS B 207 -18.18 14.35 22.35
N GLY B 208 -17.29 14.31 21.37
CA GLY B 208 -17.67 14.41 19.96
C GLY B 208 -17.46 15.78 19.33
N ASP B 209 -17.02 16.74 20.14
CA ASP B 209 -16.84 18.12 19.69
C ASP B 209 -15.87 18.20 18.53
N ASN B 210 -16.33 18.80 17.43
CA ASN B 210 -15.52 19.01 16.22
C ASN B 210 -14.91 17.74 15.62
N VAL B 211 -15.45 16.59 15.99
CA VAL B 211 -15.00 15.32 15.43
C VAL B 211 -15.75 15.05 14.12
N VAL B 212 -17.07 14.95 14.19
CA VAL B 212 -17.90 14.80 13.00
C VAL B 212 -18.64 16.10 12.69
N ASN B 213 -19.41 16.59 13.66
CA ASN B 213 -20.13 17.85 13.50
C ASN B 213 -19.36 18.96 14.18
N LYS B 214 -19.51 20.19 13.69
CA LYS B 214 -18.90 21.37 14.32
C LYS B 214 -19.49 21.60 15.72
N SER B 215 -18.67 22.12 16.63
CA SER B 215 -19.06 22.27 18.03
C SER B 215 -19.52 23.68 18.38
N GLU B 216 -20.54 23.76 19.23
CA GLU B 216 -21.02 25.03 19.77
C GLU B 216 -20.15 25.47 20.96
N ARG B 217 -19.35 24.54 21.46
CA ARG B 217 -18.44 24.81 22.57
C ARG B 217 -17.23 25.63 22.15
N SER B 218 -17.05 25.83 20.85
CA SER B 218 -15.97 26.66 20.33
C SER B 218 -16.43 27.61 19.23
N PRO B 219 -17.11 28.71 19.61
CA PRO B 219 -17.55 29.70 18.62
C PRO B 219 -16.35 30.40 17.96
N TRP B 220 -15.24 30.44 18.68
CA TRP B 220 -14.00 31.07 18.19
C TRP B 220 -13.30 30.24 17.13
N TYR B 221 -13.78 29.02 16.89
CA TYR B 221 -13.19 28.14 15.88
C TYR B 221 -13.94 28.26 14.55
N ALA B 222 -13.23 28.76 13.53
CA ALA B 222 -13.82 28.97 12.21
C ALA B 222 -13.48 27.85 11.23
N GLY B 223 -12.59 26.95 11.65
CA GLY B 223 -12.17 25.83 10.81
C GLY B 223 -13.20 24.72 10.70
N GLN B 224 -12.95 23.80 9.79
CA GLN B 224 -13.84 22.65 9.63
C GLN B 224 -13.51 21.54 10.61
N SER B 225 -14.49 20.69 10.88
CA SER B 225 -14.29 19.53 11.74
C SER B 225 -13.40 18.50 11.06
N LEU B 226 -12.85 17.58 11.85
CA LEU B 226 -12.32 16.34 11.29
C LEU B 226 -13.47 15.71 10.52
N GLU B 228 -14.92 16.38 7.97
CA GLU B 228 -15.10 17.41 6.95
C GLU B 228 -13.78 17.64 6.20
N ILE B 229 -12.68 17.60 6.93
CA ILE B 229 -11.35 17.62 6.33
C ILE B 229 -11.14 16.30 5.59
N LEU B 230 -11.33 15.19 6.28
CA LEU B 230 -11.10 13.85 5.74
C LEU B 230 -11.88 13.57 4.46
N GLU B 231 -13.05 14.18 4.33
CA GLU B 231 -13.87 14.01 3.13
C GLU B 231 -13.49 14.97 2.01
N THR B 232 -13.00 16.16 2.37
CA THR B 232 -12.84 17.23 1.37
C THR B 232 -11.41 17.50 0.87
N VAL B 233 -10.40 17.08 1.63
CA VAL B 233 -9.02 17.31 1.20
C VAL B 233 -8.76 16.72 -0.18
N GLU B 234 -8.26 17.57 -1.07
CA GLU B 234 -7.93 17.16 -2.43
C GLU B 234 -6.75 16.21 -2.42
N ILE B 235 -6.93 15.04 -3.02
CA ILE B 235 -5.86 14.04 -3.07
C ILE B 235 -5.19 13.98 -4.45
N ALA B 236 -5.23 15.09 -5.18
CA ALA B 236 -4.41 15.27 -6.39
C ALA B 236 -2.96 15.52 -5.97
N SER B 237 -2.60 14.98 -4.81
CA SER B 237 -1.24 15.04 -4.28
C SER B 237 -0.28 14.17 -5.08
N ASP B 238 -0.83 13.16 -5.77
CA ASP B 238 -0.03 12.39 -6.72
C ASP B 238 0.31 13.31 -7.90
N ARG B 239 0.92 14.44 -7.54
CA ARG B 239 1.24 15.56 -8.43
C ARG B 239 1.73 15.12 -9.80
N ASN B 240 2.38 13.96 -9.82
CA ASN B 240 3.04 13.47 -11.02
C ASN B 240 2.04 13.12 -12.11
N TYR B 241 1.53 14.19 -12.74
CA TYR B 241 0.82 14.11 -14.00
C TYR B 241 1.74 14.72 -15.05
N THR B 242 2.87 15.24 -14.58
CA THR B 242 3.80 16.02 -15.40
C THR B 242 4.94 15.17 -15.97
N ASP B 243 5.39 14.19 -15.21
CA ASP B 243 6.50 13.34 -15.67
C ASP B 243 6.20 11.84 -15.63
N LEU B 244 6.12 11.26 -16.83
CA LEU B 244 5.85 9.83 -17.00
C LEU B 244 6.96 8.96 -16.42
N ARG B 245 6.58 8.07 -15.51
CA ARG B 245 7.45 6.99 -15.06
C ARG B 245 6.66 5.69 -15.08
N PHE B 246 7.07 4.77 -15.94
CA PHE B 246 6.42 3.47 -16.04
C PHE B 246 7.42 2.35 -15.74
N PRO B 247 7.43 1.88 -14.47
CA PRO B 247 8.29 0.76 -14.11
C PRO B 247 7.77 -0.54 -14.71
N VAL B 248 8.58 -1.18 -15.54
CA VAL B 248 8.16 -2.39 -16.23
C VAL B 248 8.13 -3.56 -15.26
N GLN B 249 6.94 -4.13 -15.08
CA GLN B 249 6.70 -5.15 -14.06
C GLN B 249 6.69 -6.55 -14.64
N TYR B 250 6.01 -6.72 -15.76
CA TYR B 250 5.79 -8.04 -16.34
C TYR B 250 5.87 -7.96 -17.86
N VAL B 251 6.74 -8.77 -18.45
CA VAL B 251 6.76 -8.91 -19.90
C VAL B 251 5.79 -10.03 -20.29
N ASN B 252 4.61 -9.63 -20.75
CA ASN B 252 3.60 -10.58 -21.19
C ASN B 252 3.88 -10.99 -22.62
N ARG B 253 4.11 -12.29 -22.81
CA ARG B 253 4.32 -12.88 -24.13
C ARG B 253 3.39 -14.07 -24.32
N PRO B 254 2.10 -13.80 -24.62
CA PRO B 254 1.13 -14.88 -24.79
C PRO B 254 1.44 -15.73 -26.02
N ASN B 255 1.61 -15.09 -27.17
CA ASN B 255 2.07 -15.76 -28.38
C ASN B 255 3.29 -15.07 -29.00
N LEU B 256 3.71 -15.55 -30.16
CA LEU B 256 4.93 -15.06 -30.82
C LEU B 256 4.88 -13.62 -31.35
N ASN B 257 3.67 -13.06 -31.49
CA ASN B 257 3.51 -11.75 -32.11
C ASN B 257 3.00 -10.65 -31.17
N PHE B 258 2.42 -11.04 -30.03
CA PHE B 258 2.09 -10.07 -29.01
C PHE B 258 3.17 -10.04 -27.93
N ARG B 259 3.82 -8.88 -27.81
CA ARG B 259 4.81 -8.65 -26.76
C ARG B 259 4.41 -7.41 -25.98
N GLY B 260 3.93 -7.62 -24.76
CA GLY B 260 3.41 -6.53 -23.93
C GLY B 260 4.25 -6.25 -22.71
N PHE B 261 4.20 -5.00 -22.25
CA PHE B 261 4.97 -4.58 -21.09
C PHE B 261 4.05 -4.05 -20.02
N ALA B 262 3.68 -4.92 -19.09
CA ALA B 262 2.68 -4.63 -18.07
C ALA B 262 3.29 -3.98 -16.85
N GLY B 263 2.50 -3.15 -16.18
CA GLY B 263 2.92 -2.47 -14.96
C GLY B 263 1.92 -1.40 -14.54
N THR B 264 2.30 -0.61 -13.54
CA THR B 264 1.46 0.47 -13.05
C THR B 264 2.15 1.82 -13.26
N LEU B 265 1.41 2.78 -13.81
CA LEU B 265 1.91 4.14 -13.95
C LEU B 265 2.17 4.77 -12.59
N ALA B 266 3.44 5.00 -12.30
CA ALA B 266 3.84 5.66 -11.08
C ALA B 266 3.42 7.12 -11.16
N SER B 267 3.72 7.73 -12.29
CA SER B 267 3.47 9.15 -12.51
C SER B 267 3.30 9.46 -14.00
N GLY B 268 2.79 10.67 -14.27
CA GLY B 268 2.62 11.15 -15.63
C GLY B 268 1.46 10.53 -16.39
N ILE B 269 1.23 11.01 -17.60
CA ILE B 269 0.17 10.50 -18.45
C ILE B 269 0.77 10.00 -19.77
N VAL B 270 0.55 8.72 -20.06
CA VAL B 270 1.00 8.13 -21.32
C VAL B 270 -0.11 8.21 -22.36
N HIS B 271 0.28 8.49 -23.60
CA HIS B 271 -0.67 8.62 -24.69
C HIS B 271 -0.24 7.74 -25.86
N LYS B 272 -1.20 7.08 -26.49
CA LYS B 272 -0.95 6.32 -27.70
C LYS B 272 -0.18 7.19 -28.69
N GLY B 273 0.98 6.70 -29.13
CA GLY B 273 1.83 7.43 -30.07
C GLY B 273 2.93 8.28 -29.43
N ASP B 274 2.98 8.29 -28.10
CA ASP B 274 4.02 9.02 -27.38
C ASP B 274 5.41 8.44 -27.66
N GLU B 275 6.38 9.33 -27.82
CA GLU B 275 7.77 8.92 -28.02
C GLU B 275 8.35 8.62 -26.63
N ILE B 276 8.67 7.34 -26.39
CA ILE B 276 9.26 6.96 -25.08
C ILE B 276 10.70 6.47 -25.18
N VAL B 277 11.34 6.32 -24.03
CA VAL B 277 12.73 5.91 -23.93
C VAL B 277 12.92 4.98 -22.72
N VAL B 278 13.75 3.91 -22.78
CA VAL B 278 13.99 3.20 -21.51
C VAL B 278 15.28 3.57 -20.81
N LEU B 279 15.41 3.47 -19.52
CA LEU B 279 16.27 4.37 -18.75
C LEU B 279 17.32 3.61 -17.94
N PRO B 280 17.32 2.29 -17.83
CA PRO B 280 18.52 1.57 -18.24
C PRO B 280 19.32 2.20 -19.40
N SER B 281 18.92 2.08 -20.67
CA SER B 281 19.83 2.21 -21.82
C SER B 281 19.76 3.51 -22.61
N GLY B 282 18.57 4.09 -22.71
CA GLY B 282 18.39 5.35 -23.43
C GLY B 282 17.77 5.22 -24.81
N LYS B 283 17.46 3.99 -25.22
CA LYS B 283 16.95 3.77 -26.57
C LYS B 283 15.45 3.97 -26.69
N SER B 284 15.01 4.39 -27.88
CA SER B 284 13.69 4.99 -28.04
C SER B 284 12.73 4.17 -28.90
N SER B 285 11.44 4.40 -28.66
CA SER B 285 10.38 3.81 -29.46
C SER B 285 9.10 4.60 -29.26
N ARG B 286 8.10 4.31 -30.08
CA ARG B 286 6.80 4.95 -29.98
C ARG B 286 5.80 3.97 -29.36
N VAL B 287 4.91 4.49 -28.53
CA VAL B 287 3.88 3.65 -27.89
C VAL B 287 2.84 3.24 -28.91
N LYS B 288 2.79 1.94 -29.23
CA LYS B 288 1.80 1.45 -30.18
C LYS B 288 0.40 1.44 -29.57
N SER B 289 0.24 0.78 -28.42
CA SER B 289 -1.07 0.67 -27.79
C SER B 289 -1.04 0.51 -26.27
N ILE B 290 -2.07 1.04 -25.64
CA ILE B 290 -2.32 0.91 -24.21
C ILE B 290 -3.41 -0.14 -24.05
N VAL B 291 -3.04 -1.30 -23.51
CA VAL B 291 -3.90 -2.48 -23.48
C VAL B 291 -4.40 -2.79 -22.07
N THR B 292 -5.72 -2.87 -21.92
CA THR B 292 -6.36 -3.31 -20.67
C THR B 292 -7.48 -4.31 -20.97
N PHE B 293 -8.05 -4.90 -19.93
CA PHE B 293 -9.16 -5.84 -20.06
C PHE B 293 -10.39 -5.21 -20.71
N GLU B 294 -10.56 -3.90 -20.51
CA GLU B 294 -11.69 -3.17 -21.07
C GLU B 294 -11.51 -2.87 -22.56
N GLY B 295 -10.28 -2.99 -23.04
CA GLY B 295 -9.97 -2.76 -24.45
C GLY B 295 -8.68 -1.96 -24.62
N GLU B 296 -8.66 -1.10 -25.63
CA GLU B 296 -7.52 -0.25 -25.89
C GLU B 296 -7.83 1.20 -25.55
N LEU B 297 -6.93 1.82 -24.78
CA LEU B 297 -7.11 3.19 -24.31
C LEU B 297 -6.23 4.15 -25.08
N GLU B 298 -6.70 5.39 -25.23
CA GLU B 298 -5.90 6.43 -25.89
C GLU B 298 -4.84 6.95 -24.93
N GLN B 299 -5.21 7.09 -23.66
CA GLN B 299 -4.31 7.57 -22.64
C GLN B 299 -4.56 6.84 -21.34
N ALA B 300 -3.56 6.88 -20.46
CA ALA B 300 -3.67 6.35 -19.11
C ALA B 300 -2.90 7.24 -18.14
N GLY B 301 -3.43 7.41 -16.94
CA GLY B 301 -2.83 8.26 -15.92
C GLY B 301 -2.21 7.51 -14.77
N PRO B 302 -1.70 8.22 -13.75
CA PRO B 302 -1.04 7.57 -12.61
C PRO B 302 -1.97 6.63 -11.85
N GLY B 303 -1.40 5.53 -11.36
CA GLY B 303 -2.16 4.56 -10.57
C GLY B 303 -2.97 3.58 -11.40
N GLN B 304 -2.73 3.56 -12.72
CA GLN B 304 -3.46 2.65 -13.61
C GLN B 304 -2.63 1.43 -13.99
N ALA B 305 -3.21 0.26 -13.82
CA ALA B 305 -2.61 -1.00 -14.23
C ALA B 305 -2.87 -1.22 -15.72
N VAL B 306 -1.85 -1.00 -16.53
CA VAL B 306 -1.97 -1.12 -17.98
C VAL B 306 -0.87 -2.00 -18.57
N THR B 307 -0.94 -2.19 -19.88
CA THR B 307 0.08 -2.91 -20.63
C THR B 307 0.41 -2.11 -21.87
N LEU B 308 1.70 -1.85 -22.07
CA LEU B 308 2.15 -1.01 -23.18
C LEU B 308 2.77 -1.84 -24.30
N THR B 309 2.26 -1.61 -25.52
CA THR B 309 2.81 -2.23 -26.73
C THR B 309 3.65 -1.19 -27.46
N GLU B 311 5.98 0.18 -31.00
CA GLU B 311 6.08 0.18 -32.46
C GLU B 311 7.34 -0.52 -32.98
N ASP B 312 8.42 -0.44 -32.21
CA ASP B 312 9.68 -1.10 -32.55
C ASP B 312 9.97 -2.25 -31.60
N GLU B 313 10.70 -3.25 -32.08
CA GLU B 313 10.98 -4.45 -31.30
C GLU B 313 12.10 -4.23 -30.28
N ILE B 314 12.20 -2.98 -29.82
CA ILE B 314 13.06 -2.54 -28.72
C ILE B 314 13.13 -3.55 -27.56
N ASP B 315 14.32 -3.72 -26.99
CA ASP B 315 14.55 -4.69 -25.92
C ASP B 315 14.25 -4.10 -24.55
N ILE B 316 13.16 -4.55 -23.94
CA ILE B 316 12.71 -4.06 -22.63
C ILE B 316 12.49 -5.20 -21.64
N SER B 317 13.20 -5.17 -20.52
CA SER B 317 13.06 -6.17 -19.48
C SER B 317 12.33 -5.61 -18.25
N ARG B 318 11.91 -6.51 -17.36
CA ARG B 318 11.42 -6.14 -16.04
C ARG B 318 12.53 -5.41 -15.28
N GLY B 319 12.20 -4.26 -14.72
CA GLY B 319 13.18 -3.45 -13.98
C GLY B 319 13.49 -2.14 -14.66
N ASP B 320 13.30 -2.10 -15.98
CA ASP B 320 13.52 -0.89 -16.77
C ASP B 320 12.39 0.11 -16.50
N LEU B 321 12.69 1.40 -16.64
CA LEU B 321 11.68 2.44 -16.61
C LEU B 321 11.42 2.96 -18.02
N LEU B 322 10.15 3.10 -18.37
CA LEU B 322 9.75 3.73 -19.62
C LEU B 322 9.31 5.16 -19.35
N VAL B 323 9.86 6.10 -20.12
CA VAL B 323 9.82 7.51 -19.79
C VAL B 323 9.57 8.33 -21.07
N HIS B 324 9.10 9.57 -20.94
CA HIS B 324 9.00 10.46 -22.10
C HIS B 324 10.39 10.88 -22.59
N ALA B 325 10.61 10.78 -23.89
CA ALA B 325 11.91 11.05 -24.50
C ALA B 325 12.36 12.51 -24.38
N ASP B 326 11.43 13.43 -24.20
CA ASP B 326 11.75 14.84 -24.05
C ASP B 326 11.92 15.25 -22.57
N ASN B 327 11.77 14.28 -21.68
CA ASN B 327 11.82 14.51 -20.24
C ASN B 327 12.38 13.27 -19.52
N VAL B 328 13.71 13.23 -19.40
CA VAL B 328 14.39 12.04 -18.93
C VAL B 328 15.13 12.30 -17.61
N PRO B 329 14.85 11.48 -16.58
CA PRO B 329 15.54 11.61 -15.29
C PRO B 329 16.98 11.12 -15.34
N GLN B 330 17.75 11.44 -14.30
CA GLN B 330 19.13 11.01 -14.19
C GLN B 330 19.23 9.50 -14.06
N VAL B 331 20.27 8.92 -14.66
CA VAL B 331 20.55 7.49 -14.54
C VAL B 331 21.96 7.29 -13.99
N SER B 332 22.02 6.71 -12.79
CA SER B 332 23.28 6.52 -12.08
C SER B 332 23.25 5.28 -11.19
N ASP B 333 24.44 4.88 -10.72
CA ASP B 333 24.60 3.74 -9.81
C ASP B 333 24.97 4.20 -8.39
N ALA B 334 25.02 5.52 -8.20
CA ALA B 334 25.33 6.11 -6.89
C ALA B 334 24.33 7.23 -6.58
N PHE B 335 23.84 7.25 -5.35
CA PHE B 335 22.91 8.30 -4.93
C PHE B 335 22.84 8.43 -3.41
N ASP B 336 22.46 9.62 -2.94
CA ASP B 336 22.16 9.85 -1.53
C ASP B 336 20.73 9.40 -1.21
N ALA B 337 20.49 9.03 0.04
CA ALA B 337 19.18 8.53 0.47
C ALA B 337 18.97 8.64 1.98
N LEU B 339 17.50 6.60 5.11
CA LEU B 339 17.22 5.21 5.45
C LEU B 339 16.51 5.07 6.78
N VAL B 340 15.39 4.36 6.79
CA VAL B 340 14.78 3.92 8.04
C VAL B 340 15.17 2.46 8.24
N TRP B 341 16.16 2.23 9.10
CA TRP B 341 16.59 0.88 9.41
C TRP B 341 15.55 0.20 10.29
N ALA B 343 15.73 -3.58 10.91
CA ALA B 343 16.18 -4.93 11.29
C ALA B 343 16.84 -4.92 12.67
N GLU B 344 16.71 -6.05 13.38
CA GLU B 344 17.40 -6.25 14.66
C GLU B 344 18.90 -6.15 14.45
N GLU B 345 19.39 -6.87 13.44
CA GLU B 345 20.78 -6.78 12.98
C GLU B 345 21.12 -5.36 12.51
N PRO B 346 22.26 -4.83 12.95
CA PRO B 346 22.70 -3.49 12.55
C PRO B 346 23.13 -3.43 11.08
N LEU B 348 25.78 -2.35 8.26
CA LEU B 348 27.22 -2.16 8.15
C LEU B 348 27.60 -1.67 6.75
N PRO B 349 28.22 -0.48 6.66
CA PRO B 349 28.69 0.03 5.37
C PRO B 349 29.71 -0.92 4.74
N GLY B 350 29.53 -1.18 3.44
CA GLY B 350 30.40 -2.13 2.73
C GLY B 350 29.74 -3.48 2.54
N LYS B 351 28.85 -3.85 3.46
CA LYS B 351 28.12 -5.11 3.37
C LYS B 351 27.15 -5.10 2.19
N LYS B 352 27.18 -6.18 1.40
CA LYS B 352 26.28 -6.31 0.27
C LYS B 352 24.84 -6.56 0.69
N TYR B 353 23.95 -5.74 0.14
CA TYR B 353 22.52 -5.93 0.29
C TYR B 353 21.90 -5.97 -1.11
N ASP B 354 20.63 -6.32 -1.19
CA ASP B 354 19.88 -6.20 -2.43
C ASP B 354 18.94 -5.00 -2.36
N ILE B 355 19.02 -4.15 -3.38
CA ILE B 355 18.18 -2.97 -3.46
C ILE B 355 17.04 -3.23 -4.45
N LYS B 356 15.82 -3.31 -3.92
CA LYS B 356 14.63 -3.38 -4.76
C LYS B 356 13.97 -2.01 -4.74
N ARG B 357 14.06 -1.31 -5.88
CA ARG B 357 13.50 0.02 -5.97
C ARG B 357 11.99 -0.07 -6.13
N ALA B 358 11.51 -0.21 -7.37
CA ALA B 358 10.12 -0.58 -7.57
C ALA B 358 10.11 -1.99 -8.15
N THR B 359 10.31 -2.07 -9.47
CA THR B 359 10.54 -3.33 -10.15
C THR B 359 12.03 -3.49 -10.48
N SER B 360 12.81 -2.45 -10.22
CA SER B 360 14.26 -2.50 -10.40
C SER B 360 14.92 -3.22 -9.23
N TYR B 361 15.62 -4.30 -9.53
CA TYR B 361 16.25 -5.12 -8.50
C TYR B 361 17.75 -5.18 -8.77
N VAL B 362 18.53 -4.51 -7.94
CA VAL B 362 19.98 -4.43 -8.13
C VAL B 362 20.70 -4.59 -6.80
N PRO B 363 21.61 -5.57 -6.72
CA PRO B 363 22.48 -5.68 -5.53
C PRO B 363 23.44 -4.49 -5.40
N GLY B 364 23.79 -4.16 -4.16
CA GLY B 364 24.75 -3.10 -3.89
C GLY B 364 25.02 -2.96 -2.41
N SER B 365 25.58 -1.81 -2.02
CA SER B 365 25.87 -1.54 -0.63
C SER B 365 25.70 -0.07 -0.31
N ILE B 366 25.74 0.25 0.98
CA ILE B 366 25.85 1.63 1.42
C ILE B 366 27.35 1.92 1.58
N ALA B 367 27.82 2.92 0.84
CA ALA B 367 29.24 3.29 0.86
C ALA B 367 29.61 3.97 2.17
N SER B 368 28.75 4.88 2.63
CA SER B 368 28.98 5.60 3.89
C SER B 368 27.70 6.17 4.46
N ILE B 369 27.69 6.40 5.78
CA ILE B 369 26.59 7.08 6.45
C ILE B 369 26.97 8.53 6.67
N THR B 370 26.26 9.44 6.01
CA THR B 370 26.53 10.87 6.12
C THR B 370 26.25 11.34 7.54
N HIS B 371 25.08 10.96 8.05
CA HIS B 371 24.70 11.22 9.43
C HIS B 371 23.53 10.33 9.83
N ARG B 372 23.32 10.20 11.13
CA ARG B 372 22.13 9.55 11.68
C ARG B 372 21.28 10.62 12.36
N VAL B 373 20.00 10.66 12.00
CA VAL B 373 19.06 11.58 12.61
C VAL B 373 18.50 10.98 13.88
N ASP B 374 18.72 11.66 15.00
CA ASP B 374 18.06 11.33 16.26
C ASP B 374 16.60 11.67 16.11
N VAL B 375 15.75 10.65 16.15
CA VAL B 375 14.31 10.80 15.90
C VAL B 375 13.59 11.71 16.89
N ASN B 376 14.15 11.84 18.09
CA ASN B 376 13.54 12.65 19.14
C ASN B 376 13.90 14.14 19.05
N THR B 377 15.13 14.43 18.64
CA THR B 377 15.65 15.79 18.66
C THR B 377 15.78 16.43 17.28
N LEU B 378 15.78 15.61 16.24
CA LEU B 378 15.80 16.07 14.85
C LEU B 378 17.11 16.73 14.39
N GLU B 379 18.24 16.29 14.94
CA GLU B 379 19.53 16.85 14.55
C GLU B 379 20.49 15.80 13.99
N GLU B 380 21.44 16.26 13.18
CA GLU B 380 22.39 15.39 12.49
C GLU B 380 23.47 14.92 13.45
N GLY B 381 23.92 13.68 13.26
CA GLY B 381 25.01 13.11 14.05
C GLY B 381 25.78 12.06 13.29
N PRO B 382 27.12 12.14 13.29
CA PRO B 382 27.96 11.16 12.62
C PRO B 382 27.76 9.75 13.17
N ALA B 383 27.86 8.76 12.29
CA ALA B 383 27.68 7.36 12.67
C ALA B 383 28.38 6.43 11.68
N SER B 384 28.72 5.25 12.16
CA SER B 384 29.31 4.21 11.31
C SER B 384 28.45 2.95 11.35
N SER B 385 27.26 3.08 11.91
CA SER B 385 26.34 1.96 12.07
C SER B 385 24.91 2.50 12.18
N LEU B 386 23.95 1.72 11.72
CA LEU B 386 22.54 2.01 11.95
C LEU B 386 21.85 0.86 12.68
N GLN B 387 21.23 1.19 13.81
CA GLN B 387 20.54 0.21 14.63
C GLN B 387 19.07 0.13 14.25
N LEU B 388 18.35 -0.79 14.89
CA LEU B 388 16.90 -0.91 14.75
C LEU B 388 16.22 0.43 15.03
N ASN B 389 15.21 0.75 14.22
CA ASN B 389 14.44 1.99 14.33
C ASN B 389 15.21 3.30 14.10
N GLU B 390 16.42 3.19 13.57
CA GLU B 390 17.24 4.38 13.33
C GLU B 390 17.13 4.88 11.89
N ILE B 391 17.29 6.20 11.75
CA ILE B 391 17.16 6.89 10.47
C ILE B 391 18.43 7.68 10.21
N GLY B 392 18.90 7.65 8.96
CA GLY B 392 20.07 8.43 8.58
C GLY B 392 20.18 8.71 7.10
N ARG B 393 21.04 9.68 6.76
CA ARG B 393 21.39 9.92 5.37
C ARG B 393 22.55 9.00 4.99
N VAL B 394 22.37 8.22 3.92
CA VAL B 394 23.38 7.27 3.47
C VAL B 394 23.81 7.50 2.02
N LYS B 395 25.02 7.08 1.71
CA LYS B 395 25.56 7.09 0.35
C LYS B 395 25.36 5.69 -0.22
N VAL B 396 24.57 5.56 -1.28
CA VAL B 396 24.28 4.24 -1.84
C VAL B 396 25.06 3.98 -3.13
N SER B 397 25.53 2.75 -3.27
CA SER B 397 26.26 2.30 -4.44
C SER B 397 25.62 1.03 -4.98
N LEU B 398 25.43 0.97 -6.29
CA LEU B 398 24.82 -0.19 -6.94
C LEU B 398 25.78 -0.83 -7.92
N ASP B 399 25.56 -2.11 -8.23
CA ASP B 399 26.37 -2.84 -9.20
C ASP B 399 26.13 -2.38 -10.62
N ALA B 400 24.93 -1.84 -10.87
CA ALA B 400 24.54 -1.33 -12.18
C ALA B 400 23.60 -0.13 -12.00
N PRO B 401 23.60 0.81 -12.96
CA PRO B 401 22.83 2.05 -12.81
C PRO B 401 21.32 1.88 -12.99
N ILE B 402 20.54 2.61 -12.18
CA ILE B 402 19.10 2.72 -12.39
C ILE B 402 18.70 4.17 -12.69
N ALA B 403 17.57 4.33 -13.36
CA ALA B 403 16.95 5.64 -13.52
C ALA B 403 16.43 6.05 -12.15
N LEU B 404 16.61 7.31 -11.77
CA LEU B 404 16.21 7.72 -10.42
C LEU B 404 15.55 9.09 -10.31
N ASP B 405 14.75 9.23 -9.25
CA ASP B 405 14.09 10.47 -8.89
C ASP B 405 14.21 10.65 -7.39
N GLY B 406 14.28 11.91 -6.95
CA GLY B 406 14.15 12.21 -5.53
C GLY B 406 12.76 11.76 -5.08
N TYR B 407 12.72 11.12 -3.92
CA TYR B 407 11.45 10.67 -3.34
C TYR B 407 10.45 11.81 -3.17
N SER B 408 10.95 13.03 -3.01
CA SER B 408 10.11 14.21 -2.88
C SER B 408 9.53 14.68 -4.22
N SER B 409 10.13 14.22 -5.31
CA SER B 409 9.59 14.42 -6.65
C SER B 409 8.68 13.28 -7.07
N ASN B 410 9.03 12.06 -6.68
CA ASN B 410 8.27 10.87 -7.05
C ASN B 410 8.21 9.82 -5.94
N ARG B 411 7.00 9.51 -5.50
CA ARG B 411 6.81 8.59 -4.38
C ARG B 411 7.12 7.13 -4.73
N THR B 412 7.11 6.79 -6.02
CA THR B 412 7.44 5.44 -6.46
C THR B 412 8.92 5.29 -6.82
N THR B 413 9.37 6.03 -7.83
CA THR B 413 10.73 5.91 -8.35
C THR B 413 11.80 6.50 -7.43
N GLY B 414 11.38 7.11 -6.32
CA GLY B 414 12.31 7.58 -5.30
C GLY B 414 12.29 6.71 -4.05
N ALA B 415 11.45 5.68 -4.07
CA ALA B 415 11.30 4.77 -2.94
C ALA B 415 11.94 3.43 -3.23
N PHE B 416 12.58 2.85 -2.21
CA PHE B 416 13.17 1.52 -2.33
C PHE B 416 13.24 0.79 -1.00
N ILE B 417 13.37 -0.53 -1.06
CA ILE B 417 13.61 -1.36 0.12
C ILE B 417 14.96 -2.06 0.05
N VAL B 418 15.59 -2.21 1.22
CA VAL B 418 16.87 -2.91 1.33
C VAL B 418 16.59 -4.35 1.77
N ILE B 419 17.17 -5.30 1.05
CA ILE B 419 16.91 -6.73 1.28
C ILE B 419 18.21 -7.47 1.61
N ASP B 420 18.20 -8.20 2.72
CA ASP B 420 19.34 -9.02 3.14
C ASP B 420 19.49 -10.23 2.22
N ARG B 421 20.70 -10.46 1.72
CA ARG B 421 20.96 -11.49 0.72
C ARG B 421 20.98 -12.90 1.30
N LEU B 422 21.19 -13.01 2.61
CA LEU B 422 21.28 -14.31 3.26
C LEU B 422 20.02 -14.71 4.03
N THR B 423 19.25 -13.72 4.49
CA THR B 423 18.05 -13.97 5.30
C THR B 423 16.75 -13.67 4.56
N ASN B 424 16.87 -13.01 3.40
CA ASN B 424 15.72 -12.63 2.57
C ASN B 424 14.80 -11.56 3.17
N GLY B 425 15.12 -11.12 4.39
CA GLY B 425 14.28 -10.16 5.10
C GLY B 425 14.37 -8.75 4.57
N THR B 426 13.29 -7.99 4.73
CA THR B 426 13.27 -6.58 4.36
C THR B 426 13.75 -5.77 5.56
N VAL B 427 14.97 -5.24 5.44
CA VAL B 427 15.69 -4.71 6.59
C VAL B 427 15.63 -3.19 6.72
N ALA B 428 15.36 -2.50 5.62
CA ALA B 428 15.30 -1.03 5.63
C ALA B 428 14.42 -0.44 4.55
N ALA B 429 13.82 0.71 4.87
CA ALA B 429 13.05 1.49 3.92
C ALA B 429 13.90 2.68 3.45
N GLY B 430 14.05 2.83 2.15
CA GLY B 430 14.88 3.88 1.60
C GLY B 430 14.14 4.87 0.71
N ILE B 432 15.24 8.15 -1.92
CA ILE B 432 16.33 8.84 -2.61
C ILE B 432 16.25 10.36 -2.46
N ILE B 433 17.41 10.98 -2.27
CA ILE B 433 17.54 12.44 -2.24
C ILE B 433 18.22 12.93 -3.53
N ALA B 434 17.46 13.63 -4.36
CA ALA B 434 17.98 14.21 -5.60
C ALA B 434 17.04 15.29 -6.13
#